data_6JCD
#
_entry.id   6JCD
#
_entity_poly.entity_id   1
_entity_poly.type   'polydeoxyribonucleotide'
_entity_poly.pdbx_seq_one_letter_code
;(DT)(DG)(DG)(DT)(DT)(DG)(DT)(DG)(DG)(DT)(DT)(DT)(DG)(DG)(DT)(DG)(DT)(DT)(DG)(DG)
(DT)(DG)(DG)(DT)
;
_entity_poly.pdbx_strand_id   A
#
loop_
_chem_comp.id
_chem_comp.type
_chem_comp.name
_chem_comp.formula
DG DNA linking 2'-DEOXYGUANOSINE-5'-MONOPHOSPHATE 'C10 H14 N5 O7 P'
DT DNA linking THYMIDINE-5'-MONOPHOSPHATE 'C10 H15 N2 O8 P'
#